data_4MP4
#
_entry.id   4MP4
#
_cell.length_a   183.198
_cell.length_b   103.358
_cell.length_c   51.057
_cell.angle_alpha   90.000
_cell.angle_beta   91.090
_cell.angle_gamma   90.000
#
_symmetry.space_group_name_H-M   'C 1 2 1'
#
loop_
_entity.id
_entity.type
_entity.pdbx_description
1 polymer 'Glutathione S-transferase'
2 non-polymer 'SULFATE ION'
3 water water
#
_entity_poly.entity_id   1
_entity_poly.type   'polypeptide(L)'
_entity_poly.pdbx_seq_one_letter_code
;MVMNNEYFKLYTDSQFLSPYAFTVFVGLHEKQIPFEIAAIDLGQQGQFETSFVEKSLTAKVPVLEHNDFALSESSAILEY
LEELYPDTAIYPKDIQARARARQIQAWLRSDLVALRTERPTDVIFIQPKSTPLSEEGKKAAEKLFFVAEKLLASDAEFLF
GSWSIVDAELALMLQRLIQNGDAVSERLKNYALQQWQRPSVQKWLALRHKAENLYFQ
;
_entity_poly.pdbx_strand_id   A,B,C
#
# COMPACT_ATOMS: atom_id res chain seq x y z
N GLU A 6 -7.61 18.53 17.97
CA GLU A 6 -8.94 19.06 17.68
C GLU A 6 -9.20 19.23 16.18
N TYR A 7 -8.12 19.39 15.41
CA TYR A 7 -8.23 19.42 13.94
C TYR A 7 -7.17 18.52 13.29
N PHE A 8 -7.62 17.48 12.60
CA PHE A 8 -6.74 16.52 11.96
C PHE A 8 -7.17 16.37 10.51
N LYS A 9 -6.23 16.55 9.58
CA LYS A 9 -6.55 16.28 8.18
C LYS A 9 -5.51 15.37 7.52
N LEU A 10 -5.98 14.37 6.76
CA LEU A 10 -5.11 13.42 6.07
C LEU A 10 -5.10 13.65 4.56
N TYR A 11 -3.92 13.82 3.98
CA TYR A 11 -3.83 14.00 2.53
C TYR A 11 -3.36 12.71 1.84
N THR A 12 -4.17 12.22 0.92
CA THR A 12 -3.81 11.03 0.15
C THR A 12 -3.62 11.36 -1.33
N ASP A 13 -3.09 10.42 -2.10
CA ASP A 13 -3.06 10.57 -3.55
C ASP A 13 -4.50 10.42 -4.06
N SER A 14 -4.83 11.10 -5.15
CA SER A 14 -6.21 11.16 -5.63
C SER A 14 -6.78 9.79 -6.04
N GLN A 15 -5.91 8.84 -6.35
CA GLN A 15 -6.40 7.53 -6.74
C GLN A 15 -6.39 6.54 -5.60
N PHE A 16 -6.01 7.00 -4.40
CA PHE A 16 -5.99 6.16 -3.20
C PHE A 16 -5.16 4.88 -3.33
N LEU A 17 -4.09 4.94 -4.12
CA LEU A 17 -3.23 3.79 -4.36
C LEU A 17 -2.10 3.67 -3.34
N SER A 18 -1.89 4.73 -2.57
CA SER A 18 -0.76 4.77 -1.64
C SER A 18 -0.91 3.80 -0.48
N PRO A 19 0.08 2.92 -0.28
CA PRO A 19 0.05 2.00 0.85
C PRO A 19 0.32 2.70 2.21
N TYR A 20 1.06 3.81 2.18
CA TYR A 20 1.36 4.53 3.43
C TYR A 20 0.22 5.44 3.86
N ALA A 21 -0.50 6.03 2.90
CA ALA A 21 -1.72 6.77 3.22
C ALA A 21 -2.73 5.80 3.80
N PHE A 22 -2.85 4.64 3.16
CA PHE A 22 -3.70 3.57 3.67
C PHE A 22 -3.38 3.29 5.15
N THR A 23 -2.10 3.16 5.46
CA THR A 23 -1.63 2.79 6.79
C THR A 23 -1.96 3.83 7.89
N VAL A 24 -1.84 5.11 7.54
CA VAL A 24 -2.21 6.19 8.47
C VAL A 24 -3.73 6.30 8.67
N PHE A 25 -4.49 6.16 7.59
CA PHE A 25 -5.94 6.13 7.66
C PHE A 25 -6.39 5.04 8.62
N VAL A 26 -5.77 3.86 8.49
CA VAL A 26 -6.11 2.74 9.35
C VAL A 26 -5.77 3.07 10.81
N GLY A 27 -4.60 3.63 11.02
CA GLY A 27 -4.17 4.06 12.35
C GLY A 27 -5.12 5.04 13.02
N LEU A 28 -5.56 6.05 12.29
CA LEU A 28 -6.51 7.03 12.81
C LEU A 28 -7.83 6.37 13.22
N HIS A 29 -8.39 5.55 12.34
CA HIS A 29 -9.65 4.87 12.64
C HIS A 29 -9.58 3.91 13.82
N GLU A 30 -8.51 3.15 13.91
CA GLU A 30 -8.30 2.28 15.09
C GLU A 30 -8.22 3.09 16.41
N LYS A 31 -7.51 4.23 16.39
CA LYS A 31 -7.38 5.06 17.58
C LYS A 31 -8.62 5.91 17.82
N GLN A 32 -9.59 5.78 16.93
CA GLN A 32 -10.80 6.60 16.97
C GLN A 32 -10.50 8.09 17.11
N ILE A 33 -9.60 8.57 16.27
CA ILE A 33 -9.35 10.00 16.16
C ILE A 33 -10.16 10.54 15.00
N PRO A 34 -10.97 11.58 15.26
CA PRO A 34 -11.76 12.14 14.17
C PRO A 34 -10.87 12.96 13.28
N PHE A 35 -11.07 12.91 11.98
CA PHE A 35 -10.19 13.60 11.05
C PHE A 35 -10.88 13.75 9.71
N GLU A 36 -10.38 14.68 8.90
CA GLU A 36 -10.90 14.92 7.57
C GLU A 36 -9.89 14.44 6.55
N ILE A 37 -10.37 13.99 5.40
CA ILE A 37 -9.52 13.48 4.35
C ILE A 37 -9.56 14.38 3.11
N ALA A 38 -8.43 14.53 2.44
CA ALA A 38 -8.39 15.25 1.17
C ALA A 38 -7.41 14.59 0.20
N ALA A 39 -7.51 14.94 -1.08
CA ALA A 39 -6.67 14.31 -2.10
C ALA A 39 -5.82 15.30 -2.90
N ILE A 40 -4.62 14.84 -3.26
CA ILE A 40 -3.69 15.55 -4.15
C ILE A 40 -3.28 14.69 -5.36
N ASP A 41 -3.24 15.30 -6.55
CA ASP A 41 -2.77 14.62 -7.75
C ASP A 41 -1.27 14.76 -7.89
N LEU A 42 -0.69 13.93 -8.74
CA LEU A 42 0.76 13.84 -8.85
C LEU A 42 1.29 14.49 -10.12
N LEU A 57 8.35 20.05 5.31
CA LEU A 57 9.37 19.86 4.28
C LEU A 57 9.03 18.61 3.50
N THR A 58 7.73 18.38 3.42
CA THR A 58 7.15 17.17 2.84
C THR A 58 7.47 16.93 1.37
N ALA A 59 7.94 15.72 1.09
CA ALA A 59 8.10 15.26 -0.28
C ALA A 59 6.78 14.69 -0.86
N LYS A 60 6.19 13.72 -0.16
CA LYS A 60 5.11 12.91 -0.72
C LYS A 60 3.93 12.68 0.22
N VAL A 61 2.78 12.30 -0.34
CA VAL A 61 1.68 11.78 0.48
C VAL A 61 2.16 10.52 1.18
N PRO A 62 1.65 10.25 2.40
CA PRO A 62 0.63 11.01 3.13
C PRO A 62 1.21 12.18 3.93
N VAL A 63 0.38 13.20 4.12
CA VAL A 63 0.69 14.30 4.98
C VAL A 63 -0.42 14.37 5.99
N LEU A 64 -0.06 14.55 7.26
CA LEU A 64 -1.06 14.73 8.30
C LEU A 64 -0.96 16.15 8.83
N GLU A 65 -2.05 16.89 8.74
CA GLU A 65 -2.09 18.19 9.38
C GLU A 65 -2.85 18.06 10.67
N HIS A 66 -2.24 18.59 11.73
CA HIS A 66 -2.83 18.63 13.05
C HIS A 66 -2.69 20.07 13.51
N ASN A 67 -3.81 20.80 13.45
CA ASN A 67 -3.80 22.24 13.72
C ASN A 67 -2.76 22.95 12.86
N ASP A 68 -1.80 23.60 13.50
CA ASP A 68 -0.81 24.38 12.76
C ASP A 68 0.43 23.57 12.36
N PHE A 69 0.34 22.26 12.51
CA PHE A 69 1.51 21.39 12.33
C PHE A 69 1.21 20.38 11.24
N ALA A 70 2.09 20.34 10.25
CA ALA A 70 1.94 19.41 9.13
C ALA A 70 3.13 18.45 9.12
N LEU A 71 2.85 17.17 8.86
CA LEU A 71 3.85 16.12 9.07
C LEU A 71 3.73 15.02 7.99
N SER A 72 4.86 14.57 7.43
CA SER A 72 4.83 13.50 6.45
C SER A 72 5.63 12.28 6.92
N GLU A 73 5.74 11.27 6.05
CA GLU A 73 6.32 9.93 6.33
C GLU A 73 5.47 9.12 7.32
N SER A 74 4.89 8.01 6.84
CA SER A 74 3.93 7.26 7.65
C SER A 74 4.43 6.79 9.02
N SER A 75 5.66 6.27 9.09
CA SER A 75 6.17 5.81 10.37
C SER A 75 6.29 6.96 11.38
N ALA A 76 6.72 8.12 10.88
CA ALA A 76 6.81 9.31 11.68
C ALA A 76 5.43 9.71 12.15
N ILE A 77 4.47 9.73 11.23
CA ILE A 77 3.10 10.14 11.55
C ILE A 77 2.49 9.23 12.60
N LEU A 78 2.66 7.92 12.43
CA LEU A 78 2.15 6.95 13.39
C LEU A 78 2.74 7.16 14.79
N GLU A 79 4.06 7.25 14.85
CA GLU A 79 4.79 7.48 16.10
C GLU A 79 4.24 8.72 16.82
N TYR A 80 3.95 9.74 16.02
CA TYR A 80 3.42 11.00 16.52
C TYR A 80 2.02 10.82 17.11
N LEU A 81 1.22 9.97 16.48
CA LEU A 81 -0.11 9.67 16.94
C LEU A 81 -0.10 8.87 18.25
N GLU A 82 0.85 7.93 18.37
CA GLU A 82 0.98 7.15 19.59
C GLU A 82 1.36 8.06 20.77
N GLU A 83 2.29 8.99 20.54
CA GLU A 83 2.71 9.91 21.57
C GLU A 83 1.58 10.84 22.01
N LEU A 84 0.76 11.28 21.05
CA LEU A 84 -0.39 12.15 21.34
C LEU A 84 -1.49 11.40 22.08
N TYR A 85 -1.61 10.11 21.81
CA TYR A 85 -2.67 9.31 22.41
C TYR A 85 -2.15 7.94 22.83
N PRO A 86 -1.49 7.89 23.99
CA PRO A 86 -0.74 6.72 24.47
C PRO A 86 -1.58 5.57 24.98
N ASP A 87 -2.87 5.79 25.19
CA ASP A 87 -3.65 4.73 25.79
C ASP A 87 -4.53 4.00 24.79
N THR A 88 -4.29 4.26 23.51
CA THR A 88 -4.86 3.46 22.44
C THR A 88 -3.75 3.05 21.50
N ALA A 89 -2.84 2.23 22.02
CA ALA A 89 -1.65 1.85 21.29
C ALA A 89 -2.02 0.99 20.08
N ILE A 90 -1.32 1.21 18.98
CA ILE A 90 -1.49 0.37 17.79
C ILE A 90 -0.18 -0.35 17.49
N TYR A 91 0.69 -0.41 18.50
CA TYR A 91 1.87 -1.26 18.55
C TYR A 91 1.76 -2.10 19.82
N PRO A 92 2.45 -3.26 19.86
CA PRO A 92 2.35 -4.13 21.03
C PRO A 92 2.82 -3.40 22.30
N LYS A 93 2.38 -3.84 23.47
CA LYS A 93 2.78 -3.13 24.69
C LYS A 93 4.14 -3.58 25.25
N ASP A 94 4.48 -4.86 25.11
CA ASP A 94 5.81 -5.30 25.51
C ASP A 94 6.88 -4.55 24.70
N ILE A 95 7.91 -4.08 25.39
CA ILE A 95 8.95 -3.27 24.76
C ILE A 95 9.69 -4.01 23.64
N GLN A 96 9.87 -5.32 23.78
CA GLN A 96 10.59 -6.06 22.75
C GLN A 96 9.72 -6.38 21.53
N ALA A 97 8.45 -6.68 21.77
CA ALA A 97 7.51 -6.89 20.68
C ALA A 97 7.32 -5.60 19.89
N ARG A 98 7.25 -4.46 20.59
CA ARG A 98 7.15 -3.16 19.92
C ARG A 98 8.37 -2.85 19.03
N ALA A 99 9.55 -3.19 19.54
CA ALA A 99 10.78 -3.03 18.76
C ALA A 99 10.70 -3.93 17.53
N ARG A 100 10.30 -5.19 17.74
CA ARG A 100 10.14 -6.13 16.63
C ARG A 100 9.12 -5.57 15.63
N ALA A 101 8.01 -5.04 16.14
CA ALA A 101 7.02 -4.42 15.26
C ALA A 101 7.60 -3.26 14.43
N ARG A 102 8.36 -2.37 15.07
CA ARG A 102 9.03 -1.29 14.35
C ARG A 102 10.02 -1.83 13.32
N GLN A 103 10.64 -2.97 13.64
CA GLN A 103 11.59 -3.56 12.72
C GLN A 103 10.92 -4.10 11.43
N ILE A 104 9.85 -4.85 11.61
CA ILE A 104 9.08 -5.39 10.49
C ILE A 104 8.52 -4.25 9.61
N GLN A 105 7.96 -3.24 10.27
CA GLN A 105 7.51 -2.01 9.60
C GLN A 105 8.63 -1.31 8.80
N ALA A 106 9.82 -1.20 9.36
CA ALA A 106 10.90 -0.51 8.67
C ALA A 106 11.31 -1.33 7.45
N TRP A 107 11.33 -2.64 7.65
CA TRP A 107 11.73 -3.60 6.65
C TRP A 107 10.77 -3.62 5.46
N LEU A 108 9.47 -3.69 5.74
CA LEU A 108 8.44 -3.56 4.71
C LEU A 108 8.56 -2.26 3.91
N ARG A 109 8.87 -1.17 4.60
CA ARG A 109 8.98 0.15 3.94
C ARG A 109 10.16 0.24 2.97
N SER A 110 11.30 -0.32 3.37
CA SER A 110 12.56 -0.07 2.68
C SER A 110 13.19 -1.25 1.93
N ASP A 111 12.94 -2.47 2.41
CA ASP A 111 13.41 -3.65 1.69
C ASP A 111 12.31 -4.11 0.73
N LEU A 112 12.50 -5.28 0.12
CA LEU A 112 11.52 -5.87 -0.80
C LEU A 112 11.31 -4.97 -2.00
N VAL A 113 12.34 -4.20 -2.36
CA VAL A 113 12.26 -3.23 -3.46
C VAL A 113 11.72 -3.85 -4.76
N ALA A 114 12.22 -5.01 -5.12
CA ALA A 114 11.77 -5.63 -6.37
C ALA A 114 10.27 -5.92 -6.35
N LEU A 115 9.79 -6.40 -5.21
CA LEU A 115 8.38 -6.74 -5.02
C LEU A 115 7.46 -5.54 -5.15
N ARG A 116 7.80 -4.46 -4.43
CA ARG A 116 7.03 -3.22 -4.51
C ARG A 116 7.03 -2.65 -5.93
N THR A 117 8.18 -2.71 -6.60
CA THR A 117 8.30 -2.21 -7.96
C THR A 117 7.49 -3.05 -8.96
N GLU A 118 7.56 -4.37 -8.83
CA GLU A 118 6.99 -5.27 -9.84
C GLU A 118 5.53 -5.60 -9.54
N ARG A 119 5.08 -5.28 -8.33
CA ARG A 119 3.71 -5.50 -7.95
C ARG A 119 3.19 -4.29 -7.21
N PRO A 120 2.98 -3.17 -7.95
CA PRO A 120 2.52 -1.94 -7.32
C PRO A 120 1.08 -2.12 -6.82
N THR A 121 0.58 -1.23 -5.98
CA THR A 121 -0.77 -1.40 -5.42
C THR A 121 -1.90 -1.41 -6.48
N ASP A 122 -1.57 -0.95 -7.68
CA ASP A 122 -2.42 -1.08 -8.87
C ASP A 122 -2.94 -2.52 -9.02
N VAL A 123 -2.09 -3.51 -8.73
CA VAL A 123 -2.50 -4.91 -8.86
C VAL A 123 -3.57 -5.32 -7.84
N ILE A 124 -3.55 -4.69 -6.67
CA ILE A 124 -4.57 -4.93 -5.64
C ILE A 124 -5.89 -4.24 -5.98
N PHE A 125 -5.82 -3.02 -6.51
CA PHE A 125 -7.02 -2.19 -6.65
C PHE A 125 -7.58 -2.06 -8.07
N ILE A 126 -6.78 -2.38 -9.09
CA ILE A 126 -7.22 -2.14 -10.46
C ILE A 126 -7.22 -3.42 -11.34
N GLN A 127 -6.06 -4.02 -11.56
CA GLN A 127 -5.97 -5.23 -12.36
C GLN A 127 -4.58 -5.82 -12.21
N PRO A 128 -4.47 -7.14 -12.35
CA PRO A 128 -3.17 -7.80 -12.18
C PRO A 128 -2.17 -7.42 -13.28
N LYS A 129 -0.90 -7.66 -13.03
CA LYS A 129 0.12 -7.50 -14.05
C LYS A 129 0.47 -8.85 -14.66
N SER A 130 0.61 -8.90 -15.98
CA SER A 130 0.88 -10.15 -16.70
C SER A 130 2.29 -10.64 -16.42
N THR A 131 3.21 -9.70 -16.40
CA THR A 131 4.64 -9.96 -16.21
C THR A 131 4.94 -10.82 -14.99
N PRO A 132 5.71 -11.90 -15.19
CA PRO A 132 6.15 -12.77 -14.10
C PRO A 132 7.16 -12.04 -13.23
N LEU A 133 7.33 -12.50 -11.99
CA LEU A 133 8.35 -11.94 -11.12
C LEU A 133 9.73 -12.18 -11.71
N SER A 134 10.52 -11.11 -11.77
CA SER A 134 11.92 -11.21 -12.09
C SER A 134 12.65 -12.00 -11.01
N GLU A 135 13.92 -12.29 -11.26
CA GLU A 135 14.69 -13.08 -10.32
C GLU A 135 14.80 -12.39 -8.96
N GLU A 136 15.08 -11.10 -8.96
CA GLU A 136 15.07 -10.35 -7.71
C GLU A 136 13.64 -10.26 -7.13
N GLY A 137 12.66 -10.21 -8.01
CA GLY A 137 11.27 -10.20 -7.58
C GLY A 137 10.91 -11.46 -6.82
N LYS A 138 11.30 -12.62 -7.37
CA LYS A 138 11.06 -13.91 -6.72
C LYS A 138 11.76 -14.02 -5.37
N LYS A 139 12.92 -13.37 -5.28
CA LYS A 139 13.74 -13.44 -4.10
C LYS A 139 13.14 -12.62 -2.95
N ALA A 140 12.54 -11.47 -3.27
CA ALA A 140 11.88 -10.65 -2.25
C ALA A 140 10.63 -11.37 -1.73
N ALA A 141 9.87 -11.98 -2.64
CA ALA A 141 8.65 -12.66 -2.27
C ALA A 141 8.93 -13.80 -1.31
N GLU A 142 9.98 -14.57 -1.59
CA GLU A 142 10.37 -15.67 -0.72
C GLU A 142 10.85 -15.20 0.64
N LYS A 143 11.58 -14.10 0.64
CA LYS A 143 12.06 -13.48 1.87
C LYS A 143 10.87 -13.01 2.71
N LEU A 144 9.87 -12.45 2.04
CA LEU A 144 8.62 -12.06 2.68
C LEU A 144 7.91 -13.27 3.29
N PHE A 145 7.81 -14.35 2.51
CA PHE A 145 7.15 -15.56 2.99
C PHE A 145 7.91 -16.13 4.19
N PHE A 146 9.23 -16.13 4.10
CA PHE A 146 10.06 -16.68 5.17
C PHE A 146 9.77 -15.95 6.47
N VAL A 147 9.90 -14.63 6.44
CA VAL A 147 9.68 -13.77 7.61
C VAL A 147 8.26 -13.86 8.18
N ALA A 148 7.25 -13.80 7.32
CA ALA A 148 5.88 -13.86 7.81
C ALA A 148 5.52 -15.24 8.36
N GLU A 149 6.02 -16.31 7.76
CA GLU A 149 5.75 -17.63 8.31
C GLU A 149 6.45 -17.87 9.66
N LYS A 150 7.64 -17.32 9.81
CA LYS A 150 8.35 -17.36 11.09
C LYS A 150 7.60 -16.60 12.19
N LEU A 151 7.23 -15.36 11.91
CA LEU A 151 6.52 -14.52 12.87
C LEU A 151 5.08 -14.99 13.10
N LEU A 152 4.53 -15.78 12.19
CA LEU A 152 3.15 -16.26 12.36
C LEU A 152 3.06 -17.76 12.64
N ALA A 153 4.11 -18.33 13.19
CA ALA A 153 4.09 -19.75 13.53
C ALA A 153 3.07 -20.05 14.65
N SER A 154 2.71 -21.32 14.79
CA SER A 154 1.68 -21.78 15.72
C SER A 154 0.30 -21.21 15.38
N ASP A 155 0.05 -21.04 14.08
CA ASP A 155 -1.25 -20.56 13.60
C ASP A 155 -1.78 -19.33 14.34
N ALA A 156 -0.90 -18.33 14.49
CA ALA A 156 -1.28 -17.07 15.10
C ALA A 156 -2.33 -16.36 14.26
N GLU A 157 -3.20 -15.60 14.93
CA GLU A 157 -4.19 -14.80 14.23
C GLU A 157 -3.60 -13.41 13.89
N PHE A 158 -2.78 -12.88 14.79
CA PHE A 158 -2.05 -11.64 14.56
C PHE A 158 -0.56 -11.83 14.82
N LEU A 159 0.27 -10.88 14.39
CA LEU A 159 1.73 -11.01 14.49
C LEU A 159 2.25 -11.03 15.92
N PHE A 160 1.66 -10.21 16.78
CA PHE A 160 2.19 -9.95 18.10
C PHE A 160 1.18 -10.17 19.22
N GLY A 161 0.29 -11.15 19.02
CA GLY A 161 -0.74 -11.46 20.00
C GLY A 161 -2.06 -10.86 19.56
N SER A 162 -2.24 -9.59 19.88
CA SER A 162 -3.39 -8.85 19.40
C SER A 162 -3.02 -8.00 18.20
N TRP A 163 -4.03 -7.47 17.54
CA TRP A 163 -3.84 -6.67 16.37
C TRP A 163 -2.88 -5.48 16.58
N SER A 164 -2.02 -5.24 15.59
CA SER A 164 -1.24 -3.99 15.54
C SER A 164 -1.22 -3.48 14.11
N ILE A 165 -0.86 -2.22 13.94
CA ILE A 165 -0.87 -1.60 12.60
C ILE A 165 0.00 -2.41 11.61
N VAL A 166 0.93 -3.21 12.14
CA VAL A 166 1.85 -3.96 11.30
C VAL A 166 1.11 -5.14 10.65
N ASP A 167 0.01 -5.59 11.26
CA ASP A 167 -0.81 -6.61 10.61
C ASP A 167 -1.35 -6.06 9.30
N ALA A 168 -1.80 -4.81 9.34
CA ALA A 168 -2.39 -4.19 8.17
C ALA A 168 -1.32 -3.96 7.09
N GLU A 169 -0.09 -3.67 7.52
CA GLU A 169 1.01 -3.39 6.60
C GLU A 169 1.49 -4.67 5.91
N LEU A 170 1.56 -5.77 6.67
CA LEU A 170 2.00 -7.05 6.15
C LEU A 170 0.96 -7.61 5.19
N ALA A 171 -0.30 -7.56 5.59
CA ALA A 171 -1.38 -8.01 4.71
C ALA A 171 -1.35 -7.31 3.36
N LEU A 172 -1.19 -5.99 3.37
CA LEU A 172 -1.17 -5.25 2.10
C LEU A 172 -0.02 -5.76 1.24
N MET A 173 1.14 -5.95 1.87
CA MET A 173 2.31 -6.48 1.18
C MET A 173 2.01 -7.83 0.56
N LEU A 174 1.39 -8.71 1.33
CA LEU A 174 1.04 -10.03 0.82
C LEU A 174 -0.01 -9.96 -0.30
N GLN A 175 -0.90 -8.98 -0.20
CA GLN A 175 -1.98 -8.79 -1.15
C GLN A 175 -1.44 -8.41 -2.53
N ARG A 176 -0.28 -7.78 -2.56
CA ARG A 176 0.38 -7.44 -3.82
C ARG A 176 0.61 -8.71 -4.62
N LEU A 177 0.85 -9.80 -3.90
CA LEU A 177 1.11 -11.08 -4.54
C LEU A 177 -0.18 -11.85 -4.78
N ILE A 178 -1.01 -11.91 -3.74
CA ILE A 178 -2.24 -12.67 -3.79
C ILE A 178 -3.18 -12.17 -4.89
N GLN A 179 -3.42 -10.87 -4.90
CA GLN A 179 -4.39 -10.29 -5.81
C GLN A 179 -3.92 -10.33 -7.25
N ASN A 180 -2.61 -10.49 -7.43
CA ASN A 180 -2.03 -10.55 -8.76
C ASN A 180 -1.98 -11.96 -9.33
N GLY A 181 -2.21 -12.96 -8.49
CA GLY A 181 -2.27 -14.33 -8.94
C GLY A 181 -1.03 -15.13 -8.60
N ASP A 182 0.00 -14.47 -8.08
CA ASP A 182 1.26 -15.15 -7.76
C ASP A 182 1.05 -16.20 -6.68
N ALA A 183 2.02 -17.10 -6.54
CA ALA A 183 1.89 -18.25 -5.64
C ALA A 183 2.12 -17.87 -4.19
N VAL A 184 1.12 -18.13 -3.35
CA VAL A 184 1.21 -17.81 -1.92
C VAL A 184 0.66 -18.96 -1.11
N SER A 185 1.31 -19.30 0.00
CA SER A 185 0.87 -20.42 0.83
C SER A 185 -0.56 -20.20 1.35
N GLU A 186 -1.30 -21.29 1.51
CA GLU A 186 -2.66 -21.24 2.07
C GLU A 186 -2.71 -20.54 3.42
N ARG A 187 -1.71 -20.78 4.25
CA ARG A 187 -1.66 -20.21 5.60
C ARG A 187 -1.58 -18.69 5.55
N LEU A 188 -0.82 -18.16 4.58
CA LEU A 188 -0.63 -16.72 4.45
C LEU A 188 -1.80 -16.02 3.75
N LYS A 189 -2.51 -16.73 2.88
CA LYS A 189 -3.73 -16.18 2.29
C LYS A 189 -4.78 -16.01 3.38
N ASN A 190 -4.98 -17.03 4.18
CA ASN A 190 -5.90 -16.96 5.31
C ASN A 190 -5.60 -15.78 6.23
N TYR A 191 -4.33 -15.61 6.60
CA TYR A 191 -3.89 -14.46 7.40
C TYR A 191 -4.24 -13.14 6.73
N ALA A 192 -3.83 -13.01 5.47
CA ALA A 192 -4.03 -11.77 4.74
C ALA A 192 -5.52 -11.46 4.55
N LEU A 193 -6.32 -12.46 4.17
CA LEU A 193 -7.74 -12.25 3.93
C LEU A 193 -8.44 -11.78 5.18
N GLN A 194 -8.12 -12.43 6.28
CA GLN A 194 -8.70 -12.04 7.56
C GLN A 194 -8.29 -10.62 7.91
N GLN A 195 -7.02 -10.29 7.70
CA GLN A 195 -6.57 -8.93 7.98
C GLN A 195 -7.33 -7.90 7.13
N TRP A 196 -7.67 -8.28 5.91
CA TRP A 196 -8.36 -7.41 4.96
C TRP A 196 -9.80 -7.13 5.40
N GLN A 197 -10.36 -8.02 6.22
CA GLN A 197 -11.75 -7.90 6.66
C GLN A 197 -11.86 -7.10 7.94
N ARG A 198 -10.72 -6.69 8.48
CA ARG A 198 -10.70 -5.73 9.58
C ARG A 198 -11.51 -4.51 9.13
N PRO A 199 -12.44 -4.03 9.99
CA PRO A 199 -13.32 -2.90 9.67
C PRO A 199 -12.62 -1.63 9.23
N SER A 200 -11.51 -1.25 9.87
CA SER A 200 -10.78 -0.06 9.50
C SER A 200 -10.29 -0.17 8.06
N VAL A 201 -9.91 -1.39 7.67
CA VAL A 201 -9.41 -1.64 6.34
C VAL A 201 -10.59 -1.60 5.37
N GLN A 202 -11.65 -2.29 5.76
CA GLN A 202 -12.88 -2.29 5.00
C GLN A 202 -13.35 -0.85 4.74
N LYS A 203 -13.14 0.04 5.71
CA LYS A 203 -13.56 1.45 5.55
C LYS A 203 -12.73 2.19 4.50
N TRP A 204 -11.43 1.88 4.44
CA TRP A 204 -10.56 2.34 3.35
C TRP A 204 -11.09 1.90 1.98
N LEU A 205 -11.36 0.60 1.83
CA LEU A 205 -11.77 0.03 0.55
C LEU A 205 -13.07 0.63 0.02
N ALA A 206 -13.98 0.96 0.92
CA ALA A 206 -15.24 1.59 0.51
C ALA A 206 -14.99 3.05 0.13
N LEU A 207 -14.13 3.70 0.92
CA LEU A 207 -13.85 5.13 0.74
C LEU A 207 -13.25 5.36 -0.62
N ARG A 208 -12.38 4.47 -1.06
CA ARG A 208 -11.78 4.59 -2.38
C ARG A 208 -12.82 4.79 -3.49
N HIS A 209 -13.85 3.95 -3.51
CA HIS A 209 -14.87 4.02 -4.56
C HIS A 209 -15.76 5.27 -4.43
N LYS A 210 -16.18 5.58 -3.21
CA LYS A 210 -17.01 6.75 -2.95
C LYS A 210 -16.30 8.06 -3.32
N ALA A 211 -15.03 8.16 -2.92
CA ALA A 211 -14.24 9.37 -3.14
C ALA A 211 -13.96 9.58 -4.61
N GLU A 212 -13.72 8.50 -5.34
CA GLU A 212 -13.50 8.63 -6.78
C GLU A 212 -14.74 9.14 -7.52
N ASN A 213 -15.94 8.84 -7.00
CA ASN A 213 -17.17 9.32 -7.61
C ASN A 213 -17.42 10.79 -7.29
N LEU A 214 -16.90 11.26 -6.17
CA LEU A 214 -17.10 12.66 -5.80
C LEU A 214 -15.99 13.57 -6.35
N TYR A 215 -14.74 13.16 -6.15
N TYR A 215 -14.74 13.16 -6.16
CA TYR A 215 -13.59 13.97 -6.49
CA TYR A 215 -13.57 13.97 -6.49
C TYR A 215 -13.48 14.32 -7.97
C TYR A 215 -13.46 14.30 -7.98
N PHE A 216 -13.90 13.37 -8.83
CA PHE A 216 -13.82 13.58 -10.27
C PHE A 216 -15.11 14.05 -10.93
N GLN A 217 -15.19 15.35 -11.20
CA GLN A 217 -16.36 15.96 -11.82
C GLN A 217 -16.21 16.08 -13.33
N GLU B 6 22.53 -5.10 30.37
CA GLU B 6 23.96 -4.94 30.64
C GLU B 6 24.84 -5.27 29.42
N TYR B 7 24.48 -6.31 28.67
CA TYR B 7 25.25 -6.72 27.49
C TYR B 7 24.64 -6.25 26.16
N PHE B 8 25.38 -5.42 25.43
CA PHE B 8 25.00 -4.99 24.08
C PHE B 8 26.09 -5.38 23.09
N LYS B 9 25.69 -5.83 21.91
CA LYS B 9 26.64 -6.13 20.84
C LYS B 9 26.08 -5.61 19.52
N LEU B 10 26.90 -4.86 18.79
CA LEU B 10 26.47 -4.31 17.51
C LEU B 10 27.17 -5.03 16.36
N TYR B 11 26.39 -5.43 15.36
CA TYR B 11 26.93 -6.09 14.17
C TYR B 11 26.90 -5.16 12.97
N THR B 12 28.08 -4.89 12.41
CA THR B 12 28.23 -4.04 11.23
C THR B 12 28.74 -4.88 10.05
N ASP B 13 28.76 -4.29 8.87
CA ASP B 13 29.33 -4.94 7.71
C ASP B 13 30.84 -4.87 7.87
N SER B 14 31.54 -5.83 7.25
CA SER B 14 32.99 -6.05 7.45
C SER B 14 33.85 -4.86 7.10
N GLN B 15 33.36 -4.03 6.18
CA GLN B 15 34.18 -2.98 5.61
C GLN B 15 33.77 -1.61 6.13
N PHE B 16 32.87 -1.64 7.14
CA PHE B 16 32.35 -0.45 7.82
C PHE B 16 31.84 0.65 6.91
N LEU B 17 31.08 0.27 5.89
CA LEU B 17 30.50 1.23 4.95
C LEU B 17 29.03 1.55 5.22
N SER B 18 28.43 0.85 6.16
CA SER B 18 26.98 0.96 6.36
C SER B 18 26.58 2.21 7.15
N PRO B 19 25.79 3.08 6.51
CA PRO B 19 25.31 4.33 7.13
C PRO B 19 24.33 4.03 8.24
N TYR B 20 23.70 2.85 8.20
CA TYR B 20 22.76 2.47 9.26
C TYR B 20 23.47 1.91 10.49
N ALA B 21 24.53 1.12 10.28
CA ALA B 21 25.38 0.71 11.39
C ALA B 21 26.08 1.92 11.97
N PHE B 22 26.50 2.83 11.09
CA PHE B 22 27.19 4.06 11.51
C PHE B 22 26.32 4.85 12.47
N THR B 23 25.08 5.09 12.06
CA THR B 23 24.07 5.79 12.85
C THR B 23 23.86 5.14 14.23
N VAL B 24 23.73 3.81 14.24
CA VAL B 24 23.57 3.09 15.50
C VAL B 24 24.79 3.24 16.38
N PHE B 25 25.98 3.03 15.80
CA PHE B 25 27.26 3.21 16.52
C PHE B 25 27.35 4.61 17.15
N VAL B 26 27.02 5.65 16.37
CA VAL B 26 27.00 7.03 16.86
C VAL B 26 26.04 7.21 18.02
N GLY B 27 24.83 6.68 17.87
CA GLY B 27 23.83 6.78 18.92
C GLY B 27 24.21 6.13 20.24
N LEU B 28 24.77 4.92 20.17
CA LEU B 28 25.21 4.23 21.38
C LEU B 28 26.27 5.05 22.10
N HIS B 29 27.26 5.51 21.36
CA HIS B 29 28.33 6.30 21.95
C HIS B 29 27.82 7.60 22.62
N GLU B 30 26.95 8.35 21.93
CA GLU B 30 26.38 9.58 22.50
C GLU B 30 25.67 9.29 23.82
N LYS B 31 24.89 8.22 23.85
CA LYS B 31 24.19 7.78 25.07
C LYS B 31 25.15 7.10 26.06
N GLN B 32 26.40 6.92 25.65
CA GLN B 32 27.43 6.30 26.50
C GLN B 32 27.11 4.87 26.92
N ILE B 33 26.39 4.15 26.07
CA ILE B 33 26.10 2.76 26.35
C ILE B 33 27.26 1.91 25.91
N PRO B 34 27.90 1.22 26.87
CA PRO B 34 29.04 0.39 26.45
C PRO B 34 28.52 -0.79 25.67
N PHE B 35 29.26 -1.18 24.64
CA PHE B 35 28.83 -2.27 23.78
C PHE B 35 30.04 -2.87 23.11
N GLU B 36 29.85 -4.06 22.56
CA GLU B 36 30.91 -4.73 21.85
C GLU B 36 30.57 -4.65 20.37
N ILE B 37 31.58 -4.75 19.51
CA ILE B 37 31.35 -4.59 18.08
C ILE B 37 31.90 -5.79 17.30
N ALA B 38 31.06 -6.35 16.43
CA ALA B 38 31.48 -7.42 15.54
C ALA B 38 31.11 -7.06 14.11
N ALA B 39 31.96 -7.45 13.17
CA ALA B 39 31.72 -7.17 11.78
C ALA B 39 31.32 -8.46 11.11
N ILE B 40 30.43 -8.37 10.14
CA ILE B 40 29.99 -9.52 9.37
C ILE B 40 30.30 -9.30 7.89
N ASP B 41 30.46 -10.38 7.14
CA ASP B 41 30.98 -10.28 5.79
C ASP B 41 29.92 -10.66 4.77
N LYS B 60 20.01 -8.18 6.97
CA LYS B 60 20.95 -7.08 6.74
C LYS B 60 21.43 -6.42 8.05
N VAL B 61 22.66 -5.93 8.04
CA VAL B 61 23.21 -5.18 9.16
C VAL B 61 22.66 -3.74 9.13
N PRO B 62 22.51 -3.12 10.29
CA PRO B 62 23.02 -3.51 11.61
C PRO B 62 22.09 -4.43 12.36
N VAL B 63 22.66 -5.26 13.22
CA VAL B 63 21.87 -5.94 14.21
C VAL B 63 22.37 -5.53 15.59
N LEU B 64 21.46 -5.09 16.45
CA LEU B 64 21.82 -4.92 17.84
C LEU B 64 21.40 -6.13 18.67
N GLU B 65 22.34 -6.70 19.41
CA GLU B 65 21.99 -7.75 20.35
C GLU B 65 22.01 -7.17 21.76
N HIS B 66 20.89 -7.33 22.46
CA HIS B 66 20.80 -6.90 23.84
C HIS B 66 20.36 -8.08 24.71
N ASN B 67 21.32 -8.66 25.43
CA ASN B 67 21.08 -9.88 26.16
C ASN B 67 20.48 -10.91 25.23
N ASP B 68 19.27 -11.34 25.56
CA ASP B 68 18.59 -12.38 24.82
C ASP B 68 17.90 -11.91 23.53
N PHE B 69 17.87 -10.60 23.30
CA PHE B 69 17.07 -10.03 22.23
C PHE B 69 17.94 -9.56 21.07
N ALA B 70 17.68 -10.06 19.87
CA ALA B 70 18.35 -9.55 18.66
C ALA B 70 17.41 -8.66 17.85
N LEU B 71 17.89 -7.48 17.44
CA LEU B 71 17.06 -6.50 16.75
C LEU B 71 17.77 -5.86 15.53
N SER B 72 17.06 -5.75 14.41
CA SER B 72 17.60 -5.07 13.23
C SER B 72 16.78 -3.85 12.79
N GLU B 73 17.26 -3.19 11.71
CA GLU B 73 16.73 -1.91 11.21
C GLU B 73 17.06 -0.75 12.15
N SER B 74 17.90 0.18 11.67
CA SER B 74 18.43 1.25 12.51
C SER B 74 17.41 2.15 13.22
N SER B 75 16.38 2.61 12.51
CA SER B 75 15.34 3.40 13.18
C SER B 75 14.71 2.64 14.35
N ALA B 76 14.45 1.35 14.17
CA ALA B 76 13.86 0.54 15.23
C ALA B 76 14.83 0.41 16.41
N ILE B 77 16.09 0.16 16.08
CA ILE B 77 17.12 0.07 17.11
C ILE B 77 17.22 1.34 17.98
N LEU B 78 17.26 2.51 17.34
CA LEU B 78 17.33 3.80 18.06
C LEU B 78 16.11 4.07 18.94
N GLU B 79 14.91 3.78 18.43
CA GLU B 79 13.70 3.91 19.25
C GLU B 79 13.76 2.98 20.47
N TYR B 80 14.27 1.77 20.26
CA TYR B 80 14.47 0.80 21.32
C TYR B 80 15.43 1.34 22.38
N LEU B 81 16.57 1.88 21.94
CA LEU B 81 17.53 2.47 22.86
C LEU B 81 16.98 3.71 23.60
N GLU B 82 16.07 4.43 22.97
CA GLU B 82 15.50 5.62 23.62
C GLU B 82 14.55 5.19 24.70
N GLU B 83 13.84 4.08 24.46
CA GLU B 83 12.90 3.57 25.46
C GLU B 83 13.63 2.93 26.66
N LEU B 84 14.86 2.51 26.45
CA LEU B 84 15.64 1.90 27.52
C LEU B 84 16.36 2.97 28.32
N TYR B 85 16.68 4.08 27.66
CA TYR B 85 17.45 5.14 28.29
C TYR B 85 16.90 6.50 27.92
N PRO B 86 15.77 6.87 28.53
CA PRO B 86 15.03 8.10 28.24
C PRO B 86 15.76 9.33 28.72
N ASP B 87 16.72 9.15 29.62
CA ASP B 87 17.44 10.28 30.20
C ASP B 87 18.49 10.84 29.25
N THR B 88 19.09 9.98 28.44
CA THR B 88 20.09 10.41 27.47
C THR B 88 19.49 10.46 26.07
N ALA B 89 18.56 11.38 25.85
CA ALA B 89 17.81 11.39 24.59
C ALA B 89 18.58 11.96 23.40
N ILE B 90 18.35 11.37 22.24
CA ILE B 90 19.03 11.78 21.01
C ILE B 90 18.01 12.20 19.96
N TYR B 91 16.79 12.45 20.44
CA TYR B 91 15.75 13.10 19.66
C TYR B 91 15.31 14.32 20.44
N PRO B 92 14.89 15.37 19.74
CA PRO B 92 14.41 16.61 20.37
C PRO B 92 13.35 16.35 21.44
N LYS B 93 13.36 17.17 22.48
CA LYS B 93 12.39 17.11 23.58
C LYS B 93 10.97 17.42 23.14
N ASP B 94 10.80 18.52 22.40
CA ASP B 94 9.49 18.94 21.89
C ASP B 94 8.86 17.91 20.91
N ILE B 95 7.60 17.54 21.16
CA ILE B 95 6.94 16.47 20.43
C ILE B 95 6.83 16.71 18.90
N GLN B 96 6.61 17.96 18.49
CA GLN B 96 6.49 18.29 17.08
C GLN B 96 7.86 18.27 16.42
N ALA B 97 8.86 18.78 17.14
CA ALA B 97 10.24 18.77 16.68
C ALA B 97 10.75 17.33 16.53
N ARG B 98 10.39 16.49 17.49
CA ARG B 98 10.73 15.07 17.44
C ARG B 98 10.07 14.39 16.22
N ALA B 99 8.82 14.75 15.93
CA ALA B 99 8.11 14.19 14.79
C ALA B 99 8.78 14.59 13.48
N ARG B 100 9.18 15.85 13.37
CA ARG B 100 9.91 16.31 12.21
C ARG B 100 11.27 15.58 12.13
N ALA B 101 11.87 15.33 13.29
CA ALA B 101 13.11 14.55 13.32
C ALA B 101 12.88 13.16 12.72
N ARG B 102 11.85 12.46 13.20
CA ARG B 102 11.53 11.13 12.68
C ARG B 102 11.19 11.20 11.19
N GLN B 103 10.54 12.26 10.78
CA GLN B 103 10.25 12.48 9.35
C GLN B 103 11.52 12.56 8.49
N ILE B 104 12.44 13.44 8.88
CA ILE B 104 13.62 13.67 8.07
C ILE B 104 14.43 12.39 8.02
N GLN B 105 14.50 11.72 9.17
CA GLN B 105 15.17 10.43 9.27
C GLN B 105 14.55 9.37 8.32
N ALA B 106 13.22 9.38 8.17
CA ALA B 106 12.55 8.36 7.37
C ALA B 106 12.76 8.65 5.90
N TRP B 107 12.70 9.93 5.60
CA TRP B 107 12.90 10.44 4.24
C TRP B 107 14.32 10.13 3.74
N LEU B 108 15.32 10.39 4.59
CA LEU B 108 16.70 10.08 4.20
C LEU B 108 16.92 8.59 4.02
N ARG B 109 16.13 7.78 4.73
CA ARG B 109 16.25 6.33 4.58
C ARG B 109 15.73 5.84 3.23
N SER B 110 14.62 6.42 2.77
CA SER B 110 13.88 5.88 1.63
C SER B 110 13.94 6.69 0.34
N ASP B 111 14.00 8.01 0.45
CA ASP B 111 14.04 8.85 -0.75
C ASP B 111 15.50 8.97 -1.21
N LEU B 112 15.79 10.06 -1.94
CA LEU B 112 17.13 10.35 -2.48
C LEU B 112 17.76 9.16 -3.18
N VAL B 113 16.93 8.32 -3.81
CA VAL B 113 17.40 7.03 -4.31
C VAL B 113 18.54 7.11 -5.33
N ALA B 114 18.42 8.05 -6.26
CA ALA B 114 19.47 8.26 -7.25
C ALA B 114 20.81 8.56 -6.56
N LEU B 115 20.76 9.38 -5.52
CA LEU B 115 21.96 9.83 -4.83
C LEU B 115 22.66 8.69 -4.05
N ARG B 116 21.87 7.86 -3.37
CA ARG B 116 22.45 6.75 -2.61
C ARG B 116 23.06 5.67 -3.50
N THR B 117 22.61 5.61 -4.75
CA THR B 117 23.14 4.60 -5.66
C THR B 117 24.38 5.12 -6.36
N GLU B 118 24.34 6.38 -6.76
CA GLU B 118 25.43 6.99 -7.52
C GLU B 118 26.54 7.54 -6.62
N ARG B 119 26.20 7.80 -5.36
CA ARG B 119 27.22 8.18 -4.38
C ARG B 119 27.13 7.29 -3.14
N PRO B 120 27.50 6.01 -3.30
CA PRO B 120 27.51 5.08 -2.16
C PRO B 120 28.60 5.51 -1.17
N THR B 121 28.54 4.98 0.05
CA THR B 121 29.38 5.49 1.13
C THR B 121 30.85 5.21 0.88
N ASP B 122 31.12 4.41 -0.14
CA ASP B 122 32.49 4.17 -0.62
C ASP B 122 33.19 5.49 -0.90
N VAL B 123 32.47 6.45 -1.47
CA VAL B 123 33.07 7.74 -1.81
C VAL B 123 33.44 8.56 -0.56
N ILE B 124 32.96 8.16 0.61
CA ILE B 124 33.27 8.90 1.82
C ILE B 124 34.46 8.26 2.53
N PHE B 125 34.50 6.94 2.51
CA PHE B 125 35.39 6.19 3.38
C PHE B 125 36.59 5.60 2.65
N ILE B 126 36.45 5.47 1.34
CA ILE B 126 37.49 4.82 0.55
C ILE B 126 37.94 5.75 -0.56
N GLN B 127 37.34 5.61 -1.73
CA GLN B 127 37.75 6.37 -2.90
C GLN B 127 36.56 7.06 -3.55
N PRO B 128 36.78 8.32 -3.98
CA PRO B 128 35.83 9.10 -4.78
C PRO B 128 35.56 8.46 -6.14
N LYS B 129 34.37 8.75 -6.68
CA LYS B 129 33.98 8.26 -8.00
C LYS B 129 34.08 9.38 -9.03
N SER B 130 34.35 9.00 -10.27
CA SER B 130 34.57 9.95 -11.34
C SER B 130 33.31 10.20 -12.15
N THR B 131 32.43 9.20 -12.17
CA THR B 131 31.18 9.27 -12.92
C THR B 131 30.42 10.54 -12.55
N PRO B 132 30.10 11.37 -13.56
CA PRO B 132 29.52 12.71 -13.43
C PRO B 132 28.45 12.83 -12.34
N LEU B 133 27.25 12.31 -12.62
CA LEU B 133 26.08 12.29 -11.74
C LEU B 133 24.88 12.34 -12.68
N SER B 134 24.06 11.30 -12.66
CA SER B 134 22.91 11.18 -13.57
C SER B 134 21.93 12.34 -13.45
N GLU B 135 21.00 12.44 -14.38
CA GLU B 135 20.01 13.51 -14.37
C GLU B 135 19.24 13.50 -13.06
N GLU B 136 18.55 12.39 -12.80
CA GLU B 136 17.82 12.23 -11.56
C GLU B 136 18.74 12.29 -10.33
N GLY B 137 20.01 11.94 -10.53
CA GLY B 137 21.02 12.09 -9.49
C GLY B 137 21.14 13.52 -9.04
N LYS B 138 21.09 14.44 -10.00
CA LYS B 138 21.16 15.87 -9.72
C LYS B 138 19.91 16.36 -8.99
N LYS B 139 18.76 15.81 -9.36
CA LYS B 139 17.50 16.21 -8.75
C LYS B 139 17.47 15.85 -7.27
N ALA B 140 17.95 14.65 -6.96
CA ALA B 140 18.01 14.17 -5.58
C ALA B 140 18.89 15.10 -4.76
N ALA B 141 20.08 15.39 -5.28
CA ALA B 141 21.01 16.28 -4.61
C ALA B 141 20.35 17.63 -4.35
N GLU B 142 19.53 18.08 -5.29
CA GLU B 142 18.84 19.36 -5.15
C GLU B 142 17.74 19.37 -4.08
N LYS B 143 16.95 18.29 -4.00
CA LYS B 143 15.96 18.17 -2.93
C LYS B 143 16.64 18.24 -1.58
N LEU B 144 17.74 17.50 -1.45
CA LEU B 144 18.54 17.44 -0.23
C LEU B 144 19.02 18.82 0.21
N PHE B 145 19.61 19.57 -0.73
CA PHE B 145 20.05 20.94 -0.45
C PHE B 145 18.89 21.79 0.07
N PHE B 146 17.77 21.75 -0.64
CA PHE B 146 16.59 22.54 -0.32
C PHE B 146 16.10 22.25 1.08
N VAL B 147 15.93 20.97 1.39
CA VAL B 147 15.51 20.54 2.71
C VAL B 147 16.50 20.95 3.80
N ALA B 148 17.79 20.74 3.54
CA ALA B 148 18.81 21.13 4.51
C ALA B 148 18.89 22.64 4.78
N GLU B 149 18.75 23.44 3.72
CA GLU B 149 18.80 24.90 3.87
C GLU B 149 17.63 25.40 4.72
N LYS B 150 16.46 24.82 4.51
CA LYS B 150 15.26 25.16 5.26
C LYS B 150 15.39 24.88 6.76
N LEU B 151 15.78 23.65 7.09
CA LEU B 151 15.89 23.22 8.48
C LEU B 151 17.01 23.94 9.21
N LEU B 152 18.08 24.26 8.50
CA LEU B 152 19.17 25.02 9.09
C LEU B 152 18.97 26.51 8.87
N ALA B 153 17.85 27.04 9.38
CA ALA B 153 17.55 28.45 9.23
C ALA B 153 18.57 29.26 10.01
N SER B 154 18.80 30.50 9.57
CA SER B 154 19.72 31.41 10.24
C SER B 154 21.16 30.86 10.32
N ASP B 155 21.61 30.65 11.54
CA ASP B 155 23.01 30.34 11.80
C ASP B 155 23.16 28.98 12.43
N ALA B 156 22.04 28.28 12.60
CA ALA B 156 21.95 27.06 13.41
C ALA B 156 23.17 26.14 13.32
N GLU B 157 23.57 25.58 14.46
CA GLU B 157 24.63 24.59 14.49
C GLU B 157 24.02 23.21 14.23
N PHE B 158 22.93 22.92 14.93
CA PHE B 158 22.24 21.65 14.79
C PHE B 158 20.83 21.86 14.23
N LEU B 159 20.30 20.81 13.59
CA LEU B 159 19.00 20.85 12.93
C LEU B 159 17.87 21.32 13.82
N PHE B 160 17.83 20.81 15.04
CA PHE B 160 16.74 21.09 15.95
C PHE B 160 17.27 21.70 17.24
N GLY B 161 18.19 22.65 17.12
CA GLY B 161 18.75 23.33 18.28
C GLY B 161 19.92 22.56 18.87
N SER B 162 19.62 21.63 19.77
CA SER B 162 20.63 20.73 20.33
C SER B 162 20.93 19.60 19.34
N TRP B 163 22.13 19.02 19.46
CA TRP B 163 22.51 17.88 18.65
C TRP B 163 21.46 16.79 18.78
N SER B 164 21.21 16.10 17.68
CA SER B 164 20.39 14.90 17.68
C SER B 164 20.91 13.98 16.59
N ILE B 165 20.50 12.73 16.65
CA ILE B 165 21.01 11.70 15.74
C ILE B 165 20.77 12.07 14.26
N VAL B 166 19.71 12.82 13.98
CA VAL B 166 19.39 13.22 12.62
C VAL B 166 20.49 14.11 12.03
N ASP B 167 21.24 14.79 12.89
CA ASP B 167 22.37 15.61 12.46
C ASP B 167 23.44 14.76 11.81
N ALA B 168 23.78 13.65 12.47
CA ALA B 168 24.77 12.75 11.94
C ALA B 168 24.27 12.12 10.67
N GLU B 169 22.98 11.75 10.65
CA GLU B 169 22.37 11.15 9.47
C GLU B 169 22.40 12.12 8.27
N LEU B 170 22.05 13.39 8.51
CA LEU B 170 22.05 14.38 7.43
C LEU B 170 23.49 14.74 7.01
N ALA B 171 24.40 14.80 7.98
CA ALA B 171 25.81 15.04 7.68
C ALA B 171 26.39 13.98 6.76
N LEU B 172 26.06 12.71 7.03
CA LEU B 172 26.58 11.63 6.20
C LEU B 172 26.06 11.74 4.77
N MET B 173 24.76 11.94 4.63
CA MET B 173 24.14 12.12 3.32
C MET B 173 24.80 13.26 2.54
N LEU B 174 25.08 14.37 3.22
CA LEU B 174 25.76 15.50 2.61
C LEU B 174 27.17 15.10 2.19
N GLN B 175 27.83 14.34 3.07
CA GLN B 175 29.19 13.87 2.83
C GLN B 175 29.34 13.05 1.57
N ARG B 176 28.28 12.37 1.16
CA ARG B 176 28.34 11.60 -0.08
C ARG B 176 28.67 12.52 -1.26
N LEU B 177 28.36 13.81 -1.11
CA LEU B 177 28.58 14.78 -2.16
C LEU B 177 29.89 15.53 -1.96
N ILE B 178 30.10 16.01 -0.73
CA ILE B 178 31.30 16.74 -0.37
C ILE B 178 32.56 15.92 -0.60
N GLN B 179 32.56 14.71 -0.07
CA GLN B 179 33.74 13.86 -0.15
C GLN B 179 34.02 13.41 -1.57
N ASN B 180 33.00 13.40 -2.41
CA ASN B 180 33.23 13.00 -3.78
C ASN B 180 33.60 14.18 -4.65
N GLY B 181 33.74 15.34 -4.00
CA GLY B 181 34.10 16.57 -4.68
C GLY B 181 32.90 17.43 -5.03
N ASP B 182 31.85 16.78 -5.53
CA ASP B 182 30.66 17.44 -6.12
C ASP B 182 30.18 18.71 -5.44
N ALA B 183 29.68 19.63 -6.25
CA ALA B 183 29.32 20.97 -5.83
C ALA B 183 28.36 20.97 -4.65
N VAL B 184 28.76 21.60 -3.56
CA VAL B 184 27.89 21.76 -2.39
C VAL B 184 28.10 23.13 -1.76
N SER B 185 27.00 23.87 -1.64
CA SER B 185 26.96 25.15 -0.92
C SER B 185 27.83 25.16 0.34
N GLU B 186 28.59 26.24 0.52
CA GLU B 186 29.54 26.37 1.62
C GLU B 186 28.85 26.38 2.98
N ARG B 187 27.60 26.86 3.00
CA ARG B 187 26.77 26.82 4.19
C ARG B 187 26.62 25.38 4.71
N LEU B 188 26.46 24.45 3.79
CA LEU B 188 26.23 23.06 4.14
C LEU B 188 27.51 22.36 4.55
N LYS B 189 28.62 22.70 3.89
CA LYS B 189 29.91 22.10 4.26
C LYS B 189 30.27 22.38 5.71
N ASN B 190 30.17 23.63 6.13
CA ASN B 190 30.46 23.95 7.52
C ASN B 190 29.57 23.20 8.50
N TYR B 191 28.36 22.88 8.06
CA TYR B 191 27.46 22.06 8.88
C TYR B 191 27.98 20.63 8.93
N ALA B 192 28.22 20.04 7.75
CA ALA B 192 28.67 18.67 7.65
C ALA B 192 30.00 18.49 8.37
N LEU B 193 30.94 19.39 8.08
CA LEU B 193 32.26 19.44 8.73
C LEU B 193 32.13 19.46 10.24
N GLN B 194 31.27 20.32 10.78
CA GLN B 194 31.15 20.41 12.23
C GLN B 194 30.58 19.12 12.84
N GLN B 195 29.62 18.53 12.13
CA GLN B 195 29.01 17.28 12.54
C GLN B 195 30.02 16.13 12.49
N TRP B 196 30.83 16.12 11.44
CA TRP B 196 31.84 15.09 11.23
C TRP B 196 32.97 15.16 12.27
N GLN B 197 33.13 16.31 12.91
CA GLN B 197 34.19 16.46 13.93
C GLN B 197 33.73 16.00 15.30
N ARG B 198 32.51 15.52 15.39
CA ARG B 198 32.00 15.05 16.66
C ARG B 198 32.73 13.76 17.02
N PRO B 199 33.15 13.62 18.27
CA PRO B 199 33.94 12.46 18.70
C PRO B 199 33.29 11.12 18.35
N SER B 200 31.97 11.05 18.42
CA SER B 200 31.25 9.81 18.10
C SER B 200 31.44 9.46 16.63
N VAL B 201 31.41 10.48 15.78
CA VAL B 201 31.65 10.27 14.37
C VAL B 201 33.13 9.92 14.12
N GLN B 202 34.00 10.56 14.88
CA GLN B 202 35.43 10.33 14.75
C GLN B 202 35.88 8.93 15.17
N LYS B 203 35.28 8.41 16.23
CA LYS B 203 35.54 7.03 16.65
C LYS B 203 35.25 6.00 15.56
N TRP B 204 34.19 6.23 14.79
CA TRP B 204 33.82 5.37 13.68
C TRP B 204 34.83 5.41 12.54
N LEU B 205 35.33 6.60 12.24
CA LEU B 205 36.36 6.76 11.22
C LEU B 205 37.63 5.99 11.61
N ALA B 206 37.95 5.98 12.89
CA ALA B 206 39.12 5.29 13.41
C ALA B 206 38.93 3.77 13.48
N LEU B 207 37.67 3.35 13.65
CA LEU B 207 37.32 1.94 13.73
C LEU B 207 37.75 1.20 12.48
N ARG B 208 37.36 1.76 11.34
CA ARG B 208 37.55 1.14 10.04
C ARG B 208 38.98 0.67 9.83
N HIS B 209 39.93 1.57 10.04
CA HIS B 209 41.34 1.28 9.82
C HIS B 209 41.83 0.21 10.78
N LYS B 210 41.49 0.37 12.05
CA LYS B 210 41.98 -0.53 13.07
C LYS B 210 41.39 -1.95 12.96
N ALA B 211 40.24 -2.08 12.31
CA ALA B 211 39.68 -3.41 12.09
C ALA B 211 40.42 -4.16 10.96
N GLU B 212 41.26 -3.45 10.24
CA GLU B 212 42.05 -4.05 9.17
C GLU B 212 43.10 -4.99 9.75
N ASN B 213 44.02 -4.43 10.53
CA ASN B 213 45.08 -5.23 11.15
C ASN B 213 44.56 -6.31 12.11
N LEU B 214 43.30 -6.18 12.52
CA LEU B 214 42.68 -7.14 13.44
C LEU B 214 41.98 -8.26 12.67
N TYR B 215 40.78 -7.96 12.21
CA TYR B 215 39.84 -8.94 11.65
C TYR B 215 40.50 -9.84 10.61
N PHE B 216 41.20 -9.24 9.66
CA PHE B 216 41.83 -9.99 8.58
C PHE B 216 43.24 -10.44 8.92
N GLN B 217 43.42 -11.75 9.07
CA GLN B 217 44.69 -12.29 9.55
C GLN B 217 45.48 -13.05 8.48
N GLU C 6 -43.20 3.73 -5.36
CA GLU C 6 -42.95 4.28 -4.03
C GLU C 6 -41.97 3.46 -3.20
N TYR C 7 -42.16 2.14 -3.15
CA TYR C 7 -41.36 1.27 -2.32
C TYR C 7 -40.66 0.16 -3.12
N PHE C 8 -39.39 0.37 -3.45
CA PHE C 8 -38.57 -0.71 -4.03
C PHE C 8 -37.59 -1.25 -3.00
N LYS C 9 -37.53 -2.57 -2.87
CA LYS C 9 -36.51 -3.19 -2.04
C LYS C 9 -35.80 -4.27 -2.83
N LEU C 10 -34.47 -4.30 -2.71
CA LEU C 10 -33.64 -5.25 -3.44
C LEU C 10 -32.96 -6.26 -2.51
N TYR C 11 -33.21 -7.54 -2.73
CA TYR C 11 -32.59 -8.60 -1.94
C TYR C 11 -31.36 -9.20 -2.65
N THR C 12 -30.21 -9.08 -2.01
CA THR C 12 -28.97 -9.63 -2.53
C THR C 12 -28.42 -10.68 -1.58
N ASP C 13 -27.49 -11.48 -2.06
CA ASP C 13 -26.80 -12.45 -1.24
C ASP C 13 -25.93 -11.67 -0.27
N SER C 14 -25.65 -12.23 0.91
CA SER C 14 -24.96 -11.48 1.96
C SER C 14 -23.53 -11.04 1.61
N GLN C 15 -22.76 -11.90 0.94
CA GLN C 15 -21.40 -11.54 0.54
C GLN C 15 -21.32 -10.63 -0.71
N PHE C 16 -22.46 -10.20 -1.24
CA PHE C 16 -22.48 -9.37 -2.45
C PHE C 16 -21.69 -9.97 -3.63
N LEU C 17 -21.73 -11.29 -3.76
CA LEU C 17 -21.00 -12.00 -4.81
C LEU C 17 -21.83 -12.19 -6.08
N SER C 18 -23.15 -12.02 -5.95
CA SER C 18 -24.07 -12.38 -7.02
C SER C 18 -24.05 -11.40 -8.18
N PRO C 19 -23.69 -11.89 -9.36
CA PRO C 19 -23.61 -11.05 -10.56
C PRO C 19 -24.99 -10.55 -10.98
N TYR C 20 -26.04 -11.24 -10.55
CA TYR C 20 -27.40 -10.90 -10.92
C TYR C 20 -28.05 -9.88 -9.98
N ALA C 21 -27.74 -9.95 -8.69
CA ALA C 21 -28.15 -8.87 -7.80
C ALA C 21 -27.39 -7.62 -8.22
N PHE C 22 -26.14 -7.82 -8.63
CA PHE C 22 -25.29 -6.74 -9.12
C PHE C 22 -25.93 -6.02 -10.30
N THR C 23 -26.42 -6.80 -11.26
CA THR C 23 -27.00 -6.26 -12.49
C THR C 23 -28.26 -5.44 -12.23
N VAL C 24 -29.10 -5.93 -11.32
CA VAL C 24 -30.31 -5.22 -10.94
C VAL C 24 -29.98 -3.91 -10.23
N PHE C 25 -29.04 -3.99 -9.28
CA PHE C 25 -28.55 -2.83 -8.54
C PHE C 25 -28.11 -1.74 -9.51
N VAL C 26 -27.32 -2.14 -10.49
CA VAL C 26 -26.81 -1.21 -11.50
C VAL C 26 -27.95 -0.61 -12.31
N GLY C 27 -28.87 -1.45 -12.78
CA GLY C 27 -30.05 -0.95 -13.48
C GLY C 27 -30.94 0.01 -12.70
N LEU C 28 -31.16 -0.27 -11.41
CA LEU C 28 -31.92 0.65 -10.55
C LEU C 28 -31.21 2.00 -10.44
N HIS C 29 -29.90 1.96 -10.23
CA HIS C 29 -29.15 3.20 -10.11
C HIS C 29 -29.09 3.99 -11.43
N GLU C 30 -29.01 3.29 -12.56
CA GLU C 30 -28.98 3.96 -13.86
C GLU C 30 -30.35 4.55 -14.25
N LYS C 31 -31.40 4.06 -13.63
CA LYS C 31 -32.75 4.55 -13.90
C LYS C 31 -33.20 5.53 -12.81
N GLN C 32 -32.28 5.88 -11.91
CA GLN C 32 -32.57 6.85 -10.86
C GLN C 32 -33.73 6.44 -9.95
N ILE C 33 -33.83 5.14 -9.69
CA ILE C 33 -34.92 4.62 -8.87
C ILE C 33 -34.43 4.31 -7.48
N PRO C 34 -34.95 5.04 -6.49
CA PRO C 34 -34.51 4.84 -5.11
C PRO C 34 -35.02 3.50 -4.61
N PHE C 35 -34.27 2.83 -3.73
CA PHE C 35 -34.63 1.49 -3.26
C PHE C 35 -33.88 1.10 -1.98
N GLU C 36 -34.40 0.11 -1.27
CA GLU C 36 -33.77 -0.42 -0.08
C GLU C 36 -32.95 -1.62 -0.47
N ILE C 37 -31.96 -1.97 0.34
CA ILE C 37 -31.20 -3.18 0.17
C ILE C 37 -31.32 -4.06 1.40
N ALA C 38 -31.48 -5.36 1.17
CA ALA C 38 -31.50 -6.34 2.24
C ALA C 38 -30.67 -7.54 1.78
N ALA C 39 -29.83 -8.06 2.66
CA ALA C 39 -29.00 -9.21 2.33
C ALA C 39 -29.62 -10.51 2.87
N ILE C 40 -29.08 -11.64 2.42
CA ILE C 40 -29.62 -12.96 2.75
C ILE C 40 -28.50 -14.00 2.74
N ASP C 41 -28.37 -14.75 3.83
CA ASP C 41 -27.33 -15.78 3.93
C ASP C 41 -27.65 -17.00 3.06
N LEU C 42 -26.60 -17.75 2.74
CA LEU C 42 -26.73 -18.92 1.87
C LEU C 42 -26.09 -20.12 2.57
N LYS C 55 -43.80 -15.34 -1.55
CA LYS C 55 -44.33 -14.15 -2.20
C LYS C 55 -43.63 -13.82 -3.54
N SER C 56 -42.34 -14.07 -3.60
CA SER C 56 -41.61 -14.02 -4.86
C SER C 56 -41.78 -15.35 -5.59
N LEU C 57 -42.19 -16.36 -4.83
CA LEU C 57 -42.41 -17.73 -5.30
C LEU C 57 -41.15 -18.58 -5.47
N THR C 58 -40.14 -18.03 -6.13
CA THR C 58 -38.96 -18.82 -6.48
C THR C 58 -37.81 -18.81 -5.46
N ALA C 59 -37.86 -17.88 -4.49
CA ALA C 59 -36.92 -17.86 -3.35
C ALA C 59 -35.43 -17.68 -3.70
N LYS C 60 -35.17 -16.97 -4.78
CA LYS C 60 -33.84 -16.96 -5.38
C LYS C 60 -33.35 -15.52 -5.58
N VAL C 61 -32.21 -15.17 -4.98
CA VAL C 61 -31.64 -13.84 -5.20
C VAL C 61 -31.23 -13.72 -6.65
N PRO C 62 -31.45 -12.55 -7.25
CA PRO C 62 -32.05 -11.37 -6.61
C PRO C 62 -33.56 -11.41 -6.59
N VAL C 63 -34.13 -10.77 -5.59
CA VAL C 63 -35.56 -10.48 -5.57
C VAL C 63 -35.71 -8.96 -5.48
N LEU C 64 -36.62 -8.42 -6.28
CA LEU C 64 -37.03 -7.03 -6.16
C LEU C 64 -38.45 -6.99 -5.62
N GLU C 65 -38.65 -6.24 -4.55
CA GLU C 65 -39.98 -6.06 -3.99
C GLU C 65 -40.44 -4.67 -4.37
N HIS C 66 -41.62 -4.57 -4.96
CA HIS C 66 -42.19 -3.28 -5.32
C HIS C 66 -43.63 -3.14 -4.83
N ASN C 67 -43.81 -2.41 -3.75
CA ASN C 67 -45.12 -2.33 -3.09
C ASN C 67 -45.67 -3.74 -2.79
N ASP C 68 -46.84 -4.03 -3.32
CA ASP C 68 -47.56 -5.26 -3.00
C ASP C 68 -47.16 -6.43 -3.91
N PHE C 69 -45.90 -6.47 -4.32
CA PHE C 69 -45.49 -7.39 -5.39
C PHE C 69 -43.98 -7.64 -5.32
N ALA C 70 -43.60 -8.91 -5.34
CA ALA C 70 -42.20 -9.30 -5.34
C ALA C 70 -41.90 -10.13 -6.58
N LEU C 71 -40.69 -10.00 -7.10
CA LEU C 71 -40.35 -10.61 -8.37
C LEU C 71 -38.87 -11.06 -8.34
N SER C 72 -38.56 -12.20 -8.95
CA SER C 72 -37.17 -12.66 -8.98
C SER C 72 -36.68 -12.85 -10.42
N GLU C 73 -35.40 -13.21 -10.56
CA GLU C 73 -34.69 -13.31 -11.86
C GLU C 73 -34.37 -11.93 -12.44
N SER C 74 -33.08 -11.63 -12.63
CA SER C 74 -32.67 -10.30 -13.08
C SER C 74 -33.28 -9.86 -14.40
N SER C 75 -33.27 -10.72 -15.40
CA SER C 75 -33.84 -10.35 -16.70
C SER C 75 -35.32 -10.00 -16.56
N ALA C 76 -36.05 -10.79 -15.79
CA ALA C 76 -37.46 -10.52 -15.55
C ALA C 76 -37.64 -9.20 -14.81
N ILE C 77 -36.81 -8.96 -13.79
CA ILE C 77 -36.84 -7.72 -13.03
C ILE C 77 -36.52 -6.52 -13.91
N LEU C 78 -35.50 -6.66 -14.75
CA LEU C 78 -35.09 -5.58 -15.65
C LEU C 78 -36.21 -5.24 -16.61
N GLU C 79 -36.81 -6.26 -17.19
CA GLU C 79 -37.89 -6.06 -18.14
C GLU C 79 -39.08 -5.36 -17.47
N TYR C 80 -39.33 -5.68 -16.20
CA TYR C 80 -40.39 -5.06 -15.40
C TYR C 80 -40.13 -3.58 -15.14
N LEU C 81 -38.88 -3.25 -14.80
CA LEU C 81 -38.48 -1.86 -14.60
C LEU C 81 -38.65 -1.03 -15.87
N GLU C 82 -38.21 -1.57 -17.01
CA GLU C 82 -38.38 -0.90 -18.29
C GLU C 82 -39.85 -0.56 -18.60
N GLU C 83 -40.75 -1.48 -18.29
CA GLU C 83 -42.18 -1.29 -18.51
C GLU C 83 -42.77 -0.25 -17.56
N LEU C 84 -42.24 -0.16 -16.35
CA LEU C 84 -42.69 0.87 -15.42
C LEU C 84 -42.18 2.25 -15.82
N TYR C 85 -41.00 2.30 -16.41
CA TYR C 85 -40.36 3.56 -16.72
C TYR C 85 -39.75 3.50 -18.10
N PRO C 86 -40.57 3.67 -19.16
CA PRO C 86 -40.15 3.57 -20.56
C PRO C 86 -39.10 4.60 -20.93
N ASP C 87 -39.17 5.75 -20.27
CA ASP C 87 -38.13 6.76 -20.32
C ASP C 87 -36.98 6.28 -19.44
N THR C 88 -35.75 6.64 -19.76
CA THR C 88 -34.55 6.07 -19.13
C THR C 88 -34.40 4.57 -19.43
N ALA C 89 -34.48 4.21 -20.70
CA ALA C 89 -34.30 2.81 -21.05
C ALA C 89 -32.86 2.39 -20.78
N ILE C 90 -32.65 1.10 -20.53
CA ILE C 90 -31.32 0.57 -20.36
C ILE C 90 -31.03 -0.48 -21.43
N TYR C 91 -31.92 -0.56 -22.41
CA TYR C 91 -31.68 -1.34 -23.62
C TYR C 91 -31.69 -0.37 -24.79
N PRO C 92 -30.92 -0.68 -25.86
CA PRO C 92 -30.95 0.18 -27.07
C PRO C 92 -32.37 0.41 -27.61
N LYS C 93 -32.55 1.51 -28.32
CA LYS C 93 -33.87 1.96 -28.77
C LYS C 93 -34.33 1.18 -30.00
N ASP C 94 -33.39 0.93 -30.91
CA ASP C 94 -33.69 0.19 -32.13
C ASP C 94 -34.04 -1.27 -31.84
N ILE C 95 -35.15 -1.72 -32.41
CA ILE C 95 -35.68 -3.06 -32.14
C ILE C 95 -34.68 -4.20 -32.35
N GLN C 96 -33.84 -4.11 -33.39
CA GLN C 96 -32.89 -5.20 -33.60
C GLN C 96 -31.74 -5.12 -32.62
N ALA C 97 -31.30 -3.89 -32.33
CA ALA C 97 -30.29 -3.67 -31.32
C ALA C 97 -30.74 -4.22 -29.95
N ARG C 98 -31.99 -3.94 -29.58
CA ARG C 98 -32.57 -4.46 -28.35
C ARG C 98 -32.64 -6.00 -28.35
N ALA C 99 -32.98 -6.58 -29.50
CA ALA C 99 -33.07 -8.02 -29.60
C ALA C 99 -31.70 -8.64 -29.40
N ARG C 100 -30.68 -8.04 -29.98
CA ARG C 100 -29.33 -8.56 -29.75
C ARG C 100 -28.88 -8.39 -28.29
N ALA C 101 -29.22 -7.26 -27.68
CA ALA C 101 -28.93 -7.02 -26.28
C ALA C 101 -29.52 -8.14 -25.42
N ARG C 102 -30.81 -8.38 -25.60
CA ARG C 102 -31.50 -9.44 -24.89
C ARG C 102 -30.84 -10.80 -25.10
N GLN C 103 -30.41 -11.07 -26.33
CA GLN C 103 -29.72 -12.31 -26.67
C GLN C 103 -28.39 -12.47 -25.97
N ILE C 104 -27.57 -11.42 -26.01
CA ILE C 104 -26.25 -11.43 -25.39
C ILE C 104 -26.41 -11.64 -23.88
N GLN C 105 -27.34 -10.90 -23.29
CA GLN C 105 -27.73 -11.09 -21.89
C GLN C 105 -28.17 -12.54 -21.55
N ALA C 106 -29.07 -13.12 -22.34
CA ALA C 106 -29.51 -14.49 -22.08
C ALA C 106 -28.35 -15.46 -22.17
N TRP C 107 -27.56 -15.26 -23.22
CA TRP C 107 -26.39 -16.11 -23.49
C TRP C 107 -25.37 -16.04 -22.34
N LEU C 108 -25.05 -14.84 -21.87
CA LEU C 108 -24.22 -14.66 -20.66
C LEU C 108 -24.75 -15.37 -19.42
N ARG C 109 -26.07 -15.42 -19.32
CA ARG C 109 -26.75 -16.07 -18.20
C ARG C 109 -26.61 -17.57 -18.22
N SER C 110 -26.80 -18.18 -19.39
CA SER C 110 -26.95 -19.65 -19.46
C SER C 110 -25.78 -20.37 -20.10
N ASP C 111 -25.04 -19.70 -20.97
CA ASP C 111 -23.89 -20.34 -21.59
C ASP C 111 -22.62 -20.07 -20.76
N LEU C 112 -21.45 -20.28 -21.34
CA LEU C 112 -20.17 -20.07 -20.64
C LEU C 112 -20.12 -20.76 -19.29
N VAL C 113 -20.71 -21.95 -19.23
CA VAL C 113 -20.77 -22.75 -18.02
C VAL C 113 -19.39 -23.02 -17.42
N ALA C 114 -18.42 -23.33 -18.27
CA ALA C 114 -17.11 -23.70 -17.77
C ALA C 114 -16.42 -22.48 -17.14
N LEU C 115 -16.55 -21.33 -17.79
CA LEU C 115 -15.96 -20.10 -17.27
C LEU C 115 -16.59 -19.70 -15.95
N ARG C 116 -17.92 -19.73 -15.89
CA ARG C 116 -18.62 -19.29 -14.69
C ARG C 116 -18.33 -20.21 -13.52
N THR C 117 -18.09 -21.48 -13.81
CA THR C 117 -17.77 -22.45 -12.77
C THR C 117 -16.32 -22.31 -12.31
N GLU C 118 -15.40 -22.20 -13.26
CA GLU C 118 -13.97 -22.17 -12.97
C GLU C 118 -13.46 -20.78 -12.57
N ARG C 119 -14.25 -19.76 -12.88
CA ARG C 119 -13.93 -18.40 -12.48
C ARG C 119 -15.14 -17.71 -11.86
N PRO C 120 -15.50 -18.07 -10.61
CA PRO C 120 -16.66 -17.49 -9.93
C PRO C 120 -16.36 -16.08 -9.39
N THR C 121 -17.40 -15.33 -9.06
CA THR C 121 -17.25 -13.92 -8.71
C THR C 121 -16.29 -13.70 -7.53
N ASP C 122 -16.11 -14.73 -6.71
CA ASP C 122 -15.06 -14.78 -5.69
C ASP C 122 -13.73 -14.28 -6.25
N VAL C 123 -13.38 -14.69 -7.48
CA VAL C 123 -12.10 -14.30 -8.05
C VAL C 123 -12.05 -12.83 -8.44
N ILE C 124 -13.20 -12.21 -8.60
CA ILE C 124 -13.28 -10.78 -8.85
C ILE C 124 -13.17 -10.01 -7.52
N PHE C 125 -13.92 -10.44 -6.51
CA PHE C 125 -14.13 -9.66 -5.29
C PHE C 125 -13.31 -10.13 -4.06
N ILE C 126 -12.81 -11.35 -4.07
CA ILE C 126 -12.06 -11.84 -2.92
C ILE C 126 -10.61 -12.23 -3.26
N GLN C 127 -10.44 -13.20 -4.16
CA GLN C 127 -9.09 -13.61 -4.55
C GLN C 127 -9.13 -14.53 -5.77
N PRO C 128 -8.05 -14.52 -6.56
CA PRO C 128 -7.90 -15.38 -7.74
C PRO C 128 -7.83 -16.86 -7.38
N LYS C 129 -8.17 -17.74 -8.33
CA LYS C 129 -7.92 -19.17 -8.23
C LYS C 129 -6.58 -19.48 -8.88
N SER C 130 -5.80 -20.34 -8.24
CA SER C 130 -4.55 -20.83 -8.85
C SER C 130 -4.84 -21.76 -10.02
N THR C 131 -5.91 -22.54 -9.89
CA THR C 131 -6.24 -23.61 -10.83
C THR C 131 -6.50 -23.08 -12.24
N PRO C 132 -5.74 -23.59 -13.23
CA PRO C 132 -5.85 -23.07 -14.61
C PRO C 132 -7.17 -23.41 -15.27
N LEU C 133 -7.50 -22.67 -16.32
CA LEU C 133 -8.69 -22.95 -17.09
C LEU C 133 -8.54 -24.34 -17.71
N SER C 134 -9.58 -25.15 -17.54
CA SER C 134 -9.65 -26.46 -18.14
C SER C 134 -9.83 -26.28 -19.63
N GLU C 135 -9.92 -27.39 -20.36
CA GLU C 135 -10.07 -27.33 -21.80
C GLU C 135 -11.39 -26.69 -22.15
N GLU C 136 -12.43 -27.05 -21.40
CA GLU C 136 -13.73 -26.42 -21.55
C GLU C 136 -13.66 -24.95 -21.14
N GLY C 137 -12.89 -24.69 -20.07
CA GLY C 137 -12.68 -23.35 -19.59
C GLY C 137 -12.07 -22.46 -20.66
N LYS C 138 -11.09 -22.98 -21.38
CA LYS C 138 -10.45 -22.20 -22.45
C LYS C 138 -11.44 -21.89 -23.56
N LYS C 139 -12.25 -22.89 -23.92
CA LYS C 139 -13.19 -22.73 -25.03
C LYS C 139 -14.26 -21.68 -24.73
N ALA C 140 -14.78 -21.71 -23.49
CA ALA C 140 -15.74 -20.70 -23.06
C ALA C 140 -15.15 -19.29 -23.18
N ALA C 141 -13.93 -19.10 -22.69
CA ALA C 141 -13.26 -17.81 -22.71
C ALA C 141 -13.12 -17.31 -24.14
N GLU C 142 -12.68 -18.20 -25.01
CA GLU C 142 -12.41 -17.88 -26.39
C GLU C 142 -13.69 -17.45 -27.08
N LYS C 143 -14.79 -18.13 -26.75
CA LYS C 143 -16.09 -17.82 -27.33
C LYS C 143 -16.51 -16.42 -26.92
N LEU C 144 -16.35 -16.14 -25.63
CA LEU C 144 -16.57 -14.81 -25.08
C LEU C 144 -15.78 -13.76 -25.84
N PHE C 145 -14.47 -14.00 -25.99
CA PHE C 145 -13.61 -13.05 -26.71
C PHE C 145 -14.16 -12.79 -28.11
N PHE C 146 -14.56 -13.85 -28.80
CA PHE C 146 -15.05 -13.75 -30.17
C PHE C 146 -16.29 -12.87 -30.23
N VAL C 147 -17.27 -13.19 -29.40
CA VAL C 147 -18.54 -12.47 -29.40
C VAL C 147 -18.32 -11.04 -28.91
N ALA C 148 -17.47 -10.86 -27.91
CA ALA C 148 -17.22 -9.50 -27.44
C ALA C 148 -16.48 -8.67 -28.49
N GLU C 149 -15.40 -9.22 -29.04
CA GLU C 149 -14.66 -8.49 -30.06
C GLU C 149 -15.51 -8.20 -31.30
N LYS C 150 -16.38 -9.12 -31.67
CA LYS C 150 -17.27 -8.90 -32.80
C LYS C 150 -18.30 -7.81 -32.54
N LEU C 151 -18.76 -7.72 -31.30
CA LEU C 151 -19.80 -6.75 -30.97
C LEU C 151 -19.26 -5.34 -30.75
N LEU C 152 -17.99 -5.22 -30.34
CA LEU C 152 -17.42 -3.94 -29.97
C LEU C 152 -16.77 -3.17 -31.11
N ALA C 153 -16.26 -3.88 -32.10
CA ALA C 153 -15.64 -3.26 -33.26
C ALA C 153 -16.46 -2.04 -33.71
N SER C 154 -15.79 -0.94 -34.07
CA SER C 154 -14.35 -0.84 -34.08
C SER C 154 -13.91 0.21 -33.08
N ASP C 155 -13.30 -0.25 -31.99
CA ASP C 155 -12.89 0.63 -30.90
C ASP C 155 -14.06 1.47 -30.38
N ALA C 156 -15.14 0.80 -29.98
CA ALA C 156 -16.29 1.51 -29.45
C ALA C 156 -16.31 1.50 -27.93
N GLU C 157 -17.03 2.46 -27.37
CA GLU C 157 -17.08 2.65 -25.94
C GLU C 157 -18.06 1.64 -25.33
N PHE C 158 -19.22 1.49 -25.96
CA PHE C 158 -20.25 0.56 -25.50
C PHE C 158 -20.74 -0.34 -26.64
N LEU C 159 -21.24 -1.52 -26.27
CA LEU C 159 -21.72 -2.54 -27.21
C LEU C 159 -22.72 -2.04 -28.26
N PHE C 160 -23.67 -1.22 -27.82
CA PHE C 160 -24.71 -0.74 -28.72
C PHE C 160 -24.76 0.79 -28.87
N GLY C 161 -23.60 1.44 -28.85
CA GLY C 161 -23.54 2.88 -29.10
C GLY C 161 -23.56 3.65 -27.81
N SER C 162 -24.72 3.74 -27.17
CA SER C 162 -24.79 4.30 -25.85
C SER C 162 -24.85 3.17 -24.80
N TRP C 163 -24.55 3.51 -23.55
CA TRP C 163 -24.55 2.54 -22.46
C TRP C 163 -25.87 1.79 -22.37
N SER C 164 -25.76 0.49 -22.13
CA SER C 164 -26.89 -0.37 -21.82
C SER C 164 -26.47 -1.32 -20.71
N ILE C 165 -27.44 -2.03 -20.15
CA ILE C 165 -27.17 -2.86 -18.99
C ILE C 165 -26.23 -4.02 -19.35
N VAL C 166 -26.22 -4.39 -20.63
CA VAL C 166 -25.44 -5.52 -21.10
C VAL C 166 -23.93 -5.23 -21.00
N ASP C 167 -23.57 -3.96 -21.14
CA ASP C 167 -22.21 -3.48 -20.87
C ASP C 167 -21.74 -3.89 -19.48
N ALA C 168 -22.57 -3.59 -18.47
CA ALA C 168 -22.22 -3.99 -17.11
C ALA C 168 -22.10 -5.51 -17.00
N GLU C 169 -23.01 -6.22 -17.65
CA GLU C 169 -23.02 -7.67 -17.57
C GLU C 169 -21.80 -8.27 -18.23
N LEU C 170 -21.47 -7.79 -19.42
CA LEU C 170 -20.33 -8.34 -20.15
C LEU C 170 -19.04 -7.98 -19.44
N ALA C 171 -18.95 -6.74 -18.95
CA ALA C 171 -17.76 -6.31 -18.20
C ALA C 171 -17.50 -7.23 -17.00
N LEU C 172 -18.56 -7.61 -16.30
CA LEU C 172 -18.41 -8.49 -15.16
C LEU C 172 -17.85 -9.84 -15.63
N MET C 173 -18.48 -10.41 -16.64
CA MET C 173 -17.98 -11.65 -17.24
C MET C 173 -16.49 -11.58 -17.63
N LEU C 174 -16.08 -10.50 -18.27
CA LEU C 174 -14.67 -10.33 -18.61
C LEU C 174 -13.83 -10.20 -17.34
N GLN C 175 -14.35 -9.52 -16.32
CA GLN C 175 -13.62 -9.32 -15.08
C GLN C 175 -13.26 -10.66 -14.42
N ARG C 176 -14.12 -11.66 -14.59
CA ARG C 176 -13.83 -13.01 -14.11
C ARG C 176 -12.45 -13.48 -14.56
N LEU C 177 -12.10 -13.12 -15.78
CA LEU C 177 -10.83 -13.49 -16.36
C LEU C 177 -9.72 -12.48 -16.01
N ILE C 178 -9.99 -11.21 -16.24
CA ILE C 178 -9.02 -10.16 -15.96
C ILE C 178 -8.51 -10.17 -14.50
N GLN C 179 -9.42 -10.22 -13.54
CA GLN C 179 -9.04 -10.08 -12.14
C GLN C 179 -8.31 -11.30 -11.60
N ASN C 180 -8.41 -12.40 -12.34
CA ASN C 180 -7.82 -13.66 -11.92
C ASN C 180 -6.37 -13.77 -12.39
N GLY C 181 -6.11 -13.32 -13.60
CA GLY C 181 -4.77 -13.31 -14.13
C GLY C 181 -4.71 -13.85 -15.54
N ASP C 182 -5.83 -14.37 -16.01
CA ASP C 182 -5.89 -15.00 -17.32
C ASP C 182 -5.63 -13.98 -18.43
N ALA C 183 -5.28 -14.48 -19.62
CA ALA C 183 -4.94 -13.61 -20.73
C ALA C 183 -6.16 -12.96 -21.39
N VAL C 184 -6.14 -11.63 -21.51
CA VAL C 184 -7.24 -10.93 -22.18
C VAL C 184 -6.64 -9.83 -23.05
N SER C 185 -7.20 -9.63 -24.24
CA SER C 185 -6.68 -8.60 -25.11
C SER C 185 -6.73 -7.23 -24.45
N GLU C 186 -5.81 -6.35 -24.82
CA GLU C 186 -5.78 -5.01 -24.26
C GLU C 186 -7.10 -4.30 -24.55
N ARG C 187 -7.61 -4.52 -25.75
CA ARG C 187 -8.86 -3.92 -26.25
C ARG C 187 -10.04 -4.27 -25.35
N LEU C 188 -10.08 -5.52 -24.90
CA LEU C 188 -11.14 -6.01 -24.02
C LEU C 188 -10.90 -5.60 -22.55
N LYS C 189 -9.62 -5.55 -22.14
CA LYS C 189 -9.29 -5.04 -20.81
C LYS C 189 -9.71 -3.58 -20.71
N ASN C 190 -9.38 -2.81 -21.74
CA ASN C 190 -9.72 -1.40 -21.77
C ASN C 190 -11.24 -1.19 -21.68
N TYR C 191 -11.99 -1.95 -22.49
CA TYR C 191 -13.43 -1.95 -22.38
C TYR C 191 -13.90 -2.24 -20.96
N ALA C 192 -13.47 -3.36 -20.39
CA ALA C 192 -14.02 -3.80 -19.11
C ALA C 192 -13.64 -2.87 -17.97
N LEU C 193 -12.40 -2.40 -17.99
CA LEU C 193 -11.92 -1.51 -16.93
C LEU C 193 -12.72 -0.22 -16.96
N GLN C 194 -13.10 0.20 -18.16
CA GLN C 194 -13.84 1.45 -18.30
C GLN C 194 -15.28 1.33 -17.83
N GLN C 195 -15.93 0.20 -18.14
CA GLN C 195 -17.28 -0.08 -17.62
C GLN C 195 -17.33 -0.21 -16.10
N TRP C 196 -16.23 -0.64 -15.49
CA TRP C 196 -16.12 -0.76 -14.03
C TRP C 196 -16.06 0.61 -13.33
N GLN C 197 -15.57 1.62 -14.05
CA GLN C 197 -15.47 2.98 -13.50
C GLN C 197 -16.81 3.70 -13.52
N ARG C 198 -17.81 3.11 -14.15
CA ARG C 198 -19.11 3.73 -14.17
C ARG C 198 -19.63 3.90 -12.72
N PRO C 199 -20.17 5.09 -12.40
CA PRO C 199 -20.61 5.38 -11.03
C PRO C 199 -21.55 4.31 -10.42
N SER C 200 -22.50 3.84 -11.22
CA SER C 200 -23.44 2.81 -10.77
C SER C 200 -22.72 1.57 -10.25
N VAL C 201 -21.74 1.11 -11.02
CA VAL C 201 -20.93 -0.06 -10.67
C VAL C 201 -20.07 0.23 -9.43
N GLN C 202 -19.40 1.36 -9.48
CA GLN C 202 -18.60 1.88 -8.38
C GLN C 202 -19.42 1.95 -7.03
N LYS C 203 -20.73 2.19 -7.11
CA LYS C 203 -21.56 2.13 -5.90
C LYS C 203 -21.72 0.71 -5.33
N TRP C 204 -21.78 -0.29 -6.21
CA TRP C 204 -21.81 -1.67 -5.75
C TRP C 204 -20.51 -1.99 -5.04
N LEU C 205 -19.39 -1.53 -5.61
CA LEU C 205 -18.09 -1.85 -5.05
C LEU C 205 -17.89 -1.25 -3.65
N ALA C 206 -18.37 -0.03 -3.45
CA ALA C 206 -18.33 0.57 -2.10
C ALA C 206 -19.20 -0.25 -1.15
N LEU C 207 -20.43 -0.50 -1.57
CA LEU C 207 -21.44 -1.18 -0.75
C LEU C 207 -20.95 -2.51 -0.18
N ARG C 208 -20.28 -3.30 -1.02
CA ARG C 208 -19.72 -4.57 -0.58
C ARG C 208 -18.87 -4.39 0.67
N HIS C 209 -18.22 -3.24 0.81
CA HIS C 209 -17.32 -3.03 1.93
C HIS C 209 -18.00 -2.41 3.14
N LYS C 210 -19.33 -2.25 3.06
CA LYS C 210 -20.13 -1.75 4.17
C LYS C 210 -20.70 -2.94 4.92
#